data_8JNP
#
_entry.id   8JNP
#
_cell.length_a   67.197
_cell.length_b   68.383
_cell.length_c   108.795
_cell.angle_alpha   90.00
_cell.angle_beta   90.00
_cell.angle_gamma   90.00
#
_symmetry.space_group_name_H-M   'P 21 21 21'
#
loop_
_entity.id
_entity.type
_entity.pdbx_description
1 polymer 'Cytochrome P450 CftA'
2 non-polymer (1Z,3E,5S,7R,8R,10R,11R,12S,15R,16S,18Z,25S)-11-ethyl-2-hydroxy-10-methyl-21,26-diazapentacyclo[23.2.1.05,16.07,15.08,12]octacosa-1(2),3,13,18-tetraene-20,27,28-trione
3 non-polymer 'PROTOPORPHYRIN IX CONTAINING FE'
4 water water
#
_entity_poly.entity_id   1
_entity_poly.type   'polypeptide(L)'
_entity_poly.pdbx_seq_one_letter_code
;MPDQHPPLPYPFAPRGLDLDPAYAELRERAPARIRMPYGDDAWLVTRYEDVRTVLADPRFSLAASMGRDQPRMRPVARTG
AGLFSTEPPEHTRLRSLVARQFSARRVEPLRARAGQLADELIDGMVVAGQPADLVEDFAIPMPTTIICEVLGIPAKDHRM
LWHWAETVLSAITPQEVLATEGRAFVEYMVGVLELRGREPGDDLLTALVRACREEGLISEEELLSIACDLLIAGFVSTTN
QIGNFFHQLLVHPEELTRLRERPELIPKAVEELMRYVPLLTGFNLARYATADVELGGITIRAGEAVMIATAAANRDPEVF
QEPERLVMDRGANPHIGFGHGVHYCVGAHLARLELQVAIERVLHRLPGMRLAVPESELSWKQDAMVNGLQALPVAW
;
_entity_poly.pdbx_strand_id   A
#
loop_
_chem_comp.id
_chem_comp.type
_chem_comp.name
_chem_comp.formula
EIA non-polymer (1Z,3E,5S,7R,8R,10R,11R,12S,15R,16S,18Z,25S)-11-ethyl-2-hydroxy-10-methyl-21,26-diazapentacyclo[23.2.1.05,16.07,15.08,12]octacosa-1(2),3,13,18-tetraene-20,27,28-trione 'C29 H38 N2 O4'
HEM non-polymer 'PROTOPORPHYRIN IX CONTAINING FE' 'C34 H32 Fe N4 O4'
#
# COMPACT_ATOMS: atom_id res chain seq x y z
N PRO A 7 -4.06 8.34 -27.00
CA PRO A 7 -3.82 8.02 -25.59
C PRO A 7 -3.81 6.52 -25.29
N LEU A 8 -2.81 6.13 -24.53
CA LEU A 8 -2.58 4.74 -24.18
C LEU A 8 -3.61 4.33 -23.12
N PRO A 9 -4.37 3.25 -23.35
CA PRO A 9 -5.23 2.74 -22.28
C PRO A 9 -4.42 2.29 -21.07
N TYR A 10 -4.91 2.65 -19.89
CA TYR A 10 -4.19 2.45 -18.64
C TYR A 10 -5.21 2.16 -17.56
N PRO A 11 -4.85 1.42 -16.51
CA PRO A 11 -3.57 0.70 -16.33
C PRO A 11 -3.50 -0.53 -17.22
N PHE A 12 -2.30 -1.06 -17.45
CA PHE A 12 -2.16 -2.29 -18.19
C PHE A 12 -2.73 -3.46 -17.41
N ALA A 13 -3.23 -4.45 -18.12
CA ALA A 13 -3.76 -5.65 -17.49
C ALA A 13 -2.62 -6.39 -16.79
N PRO A 14 -2.76 -6.74 -15.52
CA PRO A 14 -1.65 -7.36 -14.80
C PRO A 14 -1.48 -8.82 -15.20
N ARG A 15 -0.22 -9.25 -15.28
CA ARG A 15 0.15 -10.64 -15.47
C ARG A 15 0.94 -11.03 -14.21
N GLY A 16 0.27 -11.52 -13.19
CA GLY A 16 0.99 -11.81 -11.95
C GLY A 16 1.64 -10.56 -11.39
N LEU A 17 2.86 -10.74 -10.89
CA LEU A 17 3.71 -9.65 -10.44
C LEU A 17 4.71 -9.21 -11.49
N ASP A 18 4.50 -9.59 -12.75
CA ASP A 18 5.43 -9.16 -13.80
C ASP A 18 5.30 -7.68 -14.08
N LEU A 19 6.42 -7.01 -14.32
CA LEU A 19 6.37 -5.64 -14.79
C LEU A 19 6.10 -5.66 -16.28
N ASP A 20 5.12 -4.88 -16.71
CA ASP A 20 4.72 -4.90 -18.12
C ASP A 20 5.90 -4.50 -18.99
N PRO A 21 6.22 -5.29 -20.04
CA PRO A 21 7.35 -4.93 -20.92
C PRO A 21 7.25 -3.58 -21.57
N ALA A 22 6.05 -2.98 -21.68
CA ALA A 22 5.95 -1.66 -22.31
C ALA A 22 6.62 -0.56 -21.51
N TYR A 23 6.84 -0.78 -20.21
CA TYR A 23 7.44 0.30 -19.42
C TYR A 23 8.89 0.58 -19.85
N ALA A 24 9.58 -0.42 -20.37
CA ALA A 24 10.95 -0.22 -20.85
C ALA A 24 10.99 0.87 -21.92
N GLU A 25 10.13 0.76 -22.92
CA GLU A 25 10.05 1.79 -23.97
C GLU A 25 9.51 3.09 -23.40
N LEU A 26 8.56 3.03 -22.46
CA LEU A 26 7.96 4.26 -21.96
C LEU A 26 9.01 5.15 -21.27
N ARG A 27 9.90 4.56 -20.48
CA ARG A 27 10.89 5.38 -19.77
C ARG A 27 11.80 6.13 -20.74
N GLU A 28 11.97 5.64 -21.97
CA GLU A 28 12.93 6.22 -22.88
C GLU A 28 12.32 7.26 -23.81
N ARG A 29 11.06 7.61 -23.62
CA ARG A 29 10.36 8.62 -24.38
C ARG A 29 9.85 9.68 -23.42
N ALA A 30 9.12 10.67 -23.95
CA ALA A 30 8.55 11.69 -23.09
C ALA A 30 7.34 11.13 -22.35
N PRO A 31 6.92 11.79 -21.27
CA PRO A 31 5.71 11.34 -20.58
C PRO A 31 4.58 11.14 -21.57
N ALA A 32 3.89 10.01 -21.43
CA ALA A 32 2.88 9.57 -22.38
C ALA A 32 1.48 9.96 -21.91
N ARG A 33 0.61 10.25 -22.87
CA ARG A 33 -0.79 10.51 -22.55
C ARG A 33 -1.48 9.18 -22.26
N ILE A 34 -2.22 9.10 -21.16
CA ILE A 34 -2.92 7.85 -20.86
C ILE A 34 -4.39 8.13 -20.67
N ARG A 35 -5.22 7.10 -20.95
CA ARG A 35 -6.64 7.18 -20.69
C ARG A 35 -7.04 6.11 -19.68
N MET A 36 -7.46 6.54 -18.50
CA MET A 36 -7.95 5.64 -17.46
C MET A 36 -9.36 5.21 -17.77
N PRO A 37 -9.93 4.29 -16.97
CA PRO A 37 -11.31 3.86 -17.26
C PRO A 37 -12.35 4.94 -17.11
N TYR A 38 -12.15 5.92 -16.22
CA TYR A 38 -13.02 7.08 -16.07
C TYR A 38 -12.16 8.33 -15.91
N GLY A 39 -12.79 9.49 -16.15
CA GLY A 39 -12.19 10.78 -15.83
C GLY A 39 -11.34 11.39 -16.93
N ASP A 40 -10.73 12.52 -16.58
CA ASP A 40 -9.78 13.19 -17.46
C ASP A 40 -8.71 12.21 -17.95
N ASP A 41 -8.17 12.48 -19.13
CA ASP A 41 -6.94 11.88 -19.56
C ASP A 41 -5.79 12.45 -18.71
N ALA A 42 -4.59 11.85 -18.81
CA ALA A 42 -3.50 12.32 -17.97
C ALA A 42 -2.17 12.06 -18.63
N TRP A 43 -1.13 12.67 -18.07
CA TRP A 43 0.25 12.31 -18.36
C TRP A 43 0.71 11.19 -17.42
N LEU A 44 1.48 10.26 -17.95
CA LEU A 44 2.05 9.18 -17.16
C LEU A 44 3.56 9.34 -17.11
N VAL A 45 4.12 9.44 -15.90
CA VAL A 45 5.57 9.59 -15.70
C VAL A 45 6.14 8.27 -15.20
N THR A 46 7.20 7.80 -15.85
CA THR A 46 7.76 6.49 -15.54
C THR A 46 9.26 6.52 -15.24
N ARG A 47 9.98 7.45 -15.86
CA ARG A 47 11.42 7.57 -15.62
C ARG A 47 11.65 7.98 -14.17
N TYR A 48 12.60 7.31 -13.51
CA TYR A 48 12.86 7.56 -12.08
C TYR A 48 12.96 9.04 -11.77
N GLU A 49 13.85 9.74 -12.48
CA GLU A 49 14.06 11.16 -12.18
C GLU A 49 12.77 11.94 -12.35
N ASP A 50 11.93 11.55 -13.30
CA ASP A 50 10.71 12.29 -13.59
C ASP A 50 9.66 12.05 -12.51
N VAL A 51 9.58 10.83 -12.03
CA VAL A 51 8.66 10.51 -10.95
C VAL A 51 9.09 11.23 -9.68
N ARG A 52 10.39 11.25 -9.40
CA ARG A 52 10.87 11.99 -8.24
C ARG A 52 10.53 13.47 -8.36
N THR A 53 10.61 14.02 -9.57
CA THR A 53 10.29 15.44 -9.73
C THR A 53 8.82 15.70 -9.41
N VAL A 54 7.91 14.88 -9.98
CA VAL A 54 6.48 15.02 -9.70
C VAL A 54 6.19 14.94 -8.21
N LEU A 55 6.86 14.01 -7.51
CA LEU A 55 6.60 13.84 -6.07
C LEU A 55 7.18 14.98 -5.23
N ALA A 56 8.22 15.67 -5.71
CA ALA A 56 8.86 16.72 -4.94
C ALA A 56 8.45 18.14 -5.32
N ASP A 57 8.01 18.36 -6.56
CA ASP A 57 7.72 19.71 -7.05
C ASP A 57 6.31 20.10 -6.63
N PRO A 58 6.14 21.18 -5.86
CA PRO A 58 4.82 21.49 -5.29
C PRO A 58 3.79 21.89 -6.32
N ARG A 59 4.24 22.18 -7.55
CA ARG A 59 3.33 22.51 -8.63
C ARG A 59 2.45 21.32 -9.02
N PHE A 60 2.77 20.11 -8.58
CA PHE A 60 1.96 18.92 -8.81
C PHE A 60 1.23 18.60 -7.50
N SER A 61 -0.08 18.82 -7.48
CA SER A 61 -0.79 18.92 -6.22
C SER A 61 -1.99 17.99 -6.14
N LEU A 62 -2.12 17.34 -5.00
CA LEU A 62 -3.30 16.54 -4.74
C LEU A 62 -4.49 17.38 -4.27
N ALA A 63 -4.23 18.52 -3.65
CA ALA A 63 -5.33 19.45 -3.35
C ALA A 63 -5.97 19.97 -4.63
N ALA A 64 -5.15 20.25 -5.63
CA ALA A 64 -5.68 20.68 -6.92
C ALA A 64 -6.53 19.62 -7.60
N SER A 65 -6.38 18.35 -7.20
CA SER A 65 -7.18 17.30 -7.82
C SER A 65 -8.62 17.25 -7.29
N MET A 66 -8.87 17.86 -6.14
CA MET A 66 -10.19 17.71 -5.53
C MET A 66 -11.23 18.52 -6.31
N GLY A 67 -12.40 17.92 -6.52
CA GLY A 67 -13.40 18.53 -7.38
C GLY A 67 -13.15 18.42 -8.87
N ARG A 68 -12.03 17.85 -9.30
CA ARG A 68 -11.84 17.63 -10.73
C ARG A 68 -12.33 16.24 -11.16
N ASP A 69 -12.45 16.06 -12.48
CA ASP A 69 -12.91 14.80 -13.07
C ASP A 69 -11.70 13.85 -13.17
N GLN A 70 -11.29 13.36 -12.00
CA GLN A 70 -9.96 12.78 -11.88
C GLN A 70 -9.84 11.53 -12.74
N PRO A 71 -8.67 11.28 -13.34
CA PRO A 71 -8.43 9.97 -13.95
C PRO A 71 -8.49 8.90 -12.90
N ARG A 72 -9.30 7.86 -13.12
CA ARG A 72 -9.57 6.92 -12.06
C ARG A 72 -10.15 5.61 -12.61
N MET A 73 -10.29 4.65 -11.70
CA MET A 73 -10.84 3.35 -12.01
C MET A 73 -12.32 3.23 -11.76
N ARG A 74 -12.90 4.10 -10.95
CA ARG A 74 -14.27 3.94 -10.55
C ARG A 74 -15.14 5.04 -11.13
N PRO A 75 -16.46 4.80 -11.21
CA PRO A 75 -17.32 5.80 -11.86
C PRO A 75 -17.36 7.14 -11.14
N VAL A 76 -17.32 7.17 -9.82
CA VAL A 76 -17.48 8.40 -9.06
C VAL A 76 -16.12 8.83 -8.53
N ALA A 77 -15.82 10.12 -8.61
CA ALA A 77 -14.52 10.62 -8.22
C ALA A 77 -14.39 10.66 -6.71
N ARG A 78 -13.15 10.52 -6.25
CA ARG A 78 -12.82 10.56 -4.83
C ARG A 78 -13.07 11.96 -4.28
N THR A 79 -13.55 12.02 -3.04
CA THR A 79 -13.63 13.26 -2.27
C THR A 79 -12.97 12.99 -0.93
N GLY A 80 -12.67 14.05 -0.20
CA GLY A 80 -12.12 13.88 1.13
C GLY A 80 -11.35 15.10 1.58
N ALA A 81 -10.92 15.03 2.85
CA ALA A 81 -10.33 16.16 3.56
C ALA A 81 -8.98 15.83 4.17
N GLY A 82 -8.43 14.67 3.86
CA GLY A 82 -7.32 14.20 4.62
C GLY A 82 -5.99 14.26 3.91
N LEU A 83 -5.13 13.30 4.25
CA LEU A 83 -3.75 13.30 3.78
C LEU A 83 -3.66 13.20 2.26
N PHE A 84 -4.52 12.39 1.64
CA PHE A 84 -4.49 12.24 0.18
C PHE A 84 -5.10 13.41 -0.55
N SER A 85 -5.61 14.40 0.16
CA SER A 85 -6.38 15.49 -0.43
C SER A 85 -5.78 16.87 -0.19
N THR A 86 -4.64 16.96 0.49
CA THR A 86 -4.13 18.22 1.00
C THR A 86 -2.66 18.31 0.68
N GLU A 87 -2.14 19.52 0.72
CA GLU A 87 -0.72 19.85 0.60
C GLU A 87 -0.38 20.77 1.77
N PRO A 88 0.90 21.03 2.02
CA PRO A 88 1.28 21.99 3.11
C PRO A 88 0.70 23.37 2.83
N PRO A 89 0.22 24.05 3.87
CA PRO A 89 0.48 23.66 5.27
C PRO A 89 -0.57 22.77 5.92
N GLU A 90 -1.74 22.70 5.29
CA GLU A 90 -2.82 21.91 5.86
C GLU A 90 -2.40 20.45 6.02
N HIS A 91 -1.80 19.87 4.99
CA HIS A 91 -1.32 18.49 5.08
C HIS A 91 -0.41 18.31 6.29
N THR A 92 0.44 19.31 6.55
CA THR A 92 1.44 19.20 7.60
C THR A 92 0.79 19.12 8.98
N ARG A 93 -0.25 19.94 9.20
CA ARG A 93 -0.98 19.93 10.46
C ARG A 93 -1.61 18.56 10.70
N LEU A 94 -2.11 17.93 9.65
CA LEU A 94 -2.72 16.60 9.82
C LEU A 94 -1.66 15.52 10.03
N ARG A 95 -0.64 15.53 9.17
CA ARG A 95 0.38 14.49 9.25
C ARG A 95 1.15 14.54 10.57
N SER A 96 1.41 15.72 11.14
CA SER A 96 2.14 15.81 12.40
C SER A 96 1.40 15.11 13.54
N LEU A 97 0.06 15.14 13.52
CA LEU A 97 -0.73 14.44 14.51
C LEU A 97 -0.62 12.91 14.39
N VAL A 98 -0.23 12.35 13.25
CA VAL A 98 -0.05 10.89 13.17
C VAL A 98 1.41 10.47 13.18
N ALA A 99 2.34 11.43 13.14
CA ALA A 99 3.75 11.11 12.91
C ALA A 99 4.37 10.36 14.08
N ARG A 100 3.96 10.71 15.30
CA ARG A 100 4.46 10.04 16.51
C ARG A 100 4.21 8.55 16.46
N GLN A 101 2.94 8.16 16.22
CA GLN A 101 2.56 6.76 16.32
C GLN A 101 3.18 5.94 15.20
N PHE A 102 3.39 6.52 14.02
CA PHE A 102 3.93 5.75 12.91
C PHE A 102 5.43 5.91 12.78
N SER A 103 6.07 6.69 13.65
CA SER A 103 7.53 6.85 13.57
C SER A 103 8.22 5.51 13.86
N ALA A 104 9.39 5.33 13.25
CA ALA A 104 10.16 4.12 13.49
C ALA A 104 10.35 3.86 14.97
N ARG A 105 10.59 4.92 15.74
CA ARG A 105 10.86 4.73 17.16
C ARG A 105 9.66 4.18 17.89
N ARG A 106 8.45 4.57 17.47
CA ARG A 106 7.26 4.10 18.15
C ARG A 106 6.68 2.81 17.59
N VAL A 107 7.00 2.43 16.35
CA VAL A 107 6.52 1.12 15.90
C VAL A 107 7.48 0.01 16.33
N GLU A 108 8.79 0.29 16.46
CA GLU A 108 9.72 -0.77 16.82
C GLU A 108 9.30 -1.57 18.05
N PRO A 109 8.74 -0.98 19.10
CA PRO A 109 8.28 -1.79 20.24
C PRO A 109 7.22 -2.80 19.88
N LEU A 110 6.56 -2.67 18.73
CA LEU A 110 5.57 -3.66 18.28
C LEU A 110 6.19 -4.94 17.74
N ARG A 111 7.51 -5.00 17.61
CA ARG A 111 8.12 -6.14 16.91
C ARG A 111 7.82 -7.45 17.63
N ALA A 112 7.85 -7.45 18.96
CA ALA A 112 7.58 -8.68 19.71
C ALA A 112 6.11 -9.11 19.58
N ARG A 113 5.19 -8.16 19.69
CA ARG A 113 3.78 -8.48 19.51
C ARG A 113 3.53 -9.01 18.11
N ALA A 114 4.12 -8.37 17.10
CA ALA A 114 3.93 -8.84 15.74
C ALA A 114 4.43 -10.28 15.59
N GLY A 115 5.54 -10.62 16.24
CA GLY A 115 6.07 -11.97 16.13
C GLY A 115 5.23 -13.01 16.88
N GLN A 116 4.71 -12.63 18.04
CA GLN A 116 3.75 -13.45 18.78
C GLN A 116 2.50 -13.73 17.97
N LEU A 117 1.94 -12.70 17.32
CA LEU A 117 0.80 -12.89 16.44
C LEU A 117 1.14 -13.84 15.30
N ALA A 118 2.26 -13.60 14.62
CA ALA A 118 2.69 -14.53 13.58
C ALA A 118 2.77 -15.96 14.10
N ASP A 119 3.34 -16.15 15.28
CA ASP A 119 3.48 -17.50 15.81
C ASP A 119 2.10 -18.13 16.04
N GLU A 120 1.15 -17.32 16.53
CA GLU A 120 -0.20 -17.78 16.78
C GLU A 120 -0.86 -18.23 15.49
N LEU A 121 -0.69 -17.43 14.43
CA LEU A 121 -1.26 -17.77 13.14
C LEU A 121 -0.60 -19.03 12.61
N ILE A 122 0.71 -19.15 12.76
CA ILE A 122 1.37 -20.34 12.26
C ILE A 122 0.92 -21.58 13.05
N ASP A 123 0.72 -21.42 14.36
CA ASP A 123 0.11 -22.48 15.17
C ASP A 123 -1.18 -22.98 14.54
N GLY A 124 -2.07 -22.07 14.14
CA GLY A 124 -3.33 -22.50 13.58
C GLY A 124 -3.17 -23.19 12.26
N MET A 125 -2.18 -22.79 11.47
CA MET A 125 -1.88 -23.50 10.24
C MET A 125 -1.44 -24.93 10.54
N VAL A 126 -0.59 -25.09 11.56
CA VAL A 126 -0.13 -26.43 11.96
C VAL A 126 -1.29 -27.28 12.47
N VAL A 127 -2.11 -26.73 13.37
CA VAL A 127 -3.21 -27.53 13.90
C VAL A 127 -4.15 -27.96 12.79
N ALA A 128 -4.39 -27.07 11.83
CA ALA A 128 -5.35 -27.38 10.78
C ALA A 128 -4.80 -28.38 9.77
N GLY A 129 -3.49 -28.44 9.61
CA GLY A 129 -2.88 -29.45 8.77
C GLY A 129 -2.62 -28.97 7.35
N GLN A 130 -1.67 -29.63 6.70
CA GLN A 130 -1.29 -29.23 5.34
C GLN A 130 -2.34 -29.69 4.32
N PRO A 131 -2.53 -28.91 3.23
CA PRO A 131 -1.85 -27.60 3.04
C PRO A 131 -2.47 -26.40 3.75
N ALA A 132 -1.69 -25.33 3.97
CA ALA A 132 -2.20 -24.07 4.46
C ALA A 132 -2.31 -23.11 3.28
N ASP A 133 -3.05 -22.03 3.49
CA ASP A 133 -3.15 -20.96 2.50
C ASP A 133 -2.55 -19.71 3.15
N LEU A 134 -1.36 -19.31 2.70
CA LEU A 134 -0.67 -18.20 3.35
C LEU A 134 -1.46 -16.90 3.23
N VAL A 135 -2.38 -16.79 2.27
CA VAL A 135 -3.18 -15.57 2.14
C VAL A 135 -4.23 -15.50 3.25
N GLU A 136 -5.22 -16.40 3.22
CA GLU A 136 -6.25 -16.34 4.27
C GLU A 136 -5.72 -16.64 5.67
N ASP A 137 -4.74 -17.52 5.81
CA ASP A 137 -4.36 -17.97 7.17
C ASP A 137 -3.28 -17.10 7.80
N PHE A 138 -2.62 -16.23 7.03
CA PHE A 138 -1.50 -15.49 7.58
C PHE A 138 -1.44 -14.05 7.07
N ALA A 139 -1.32 -13.87 5.76
CA ALA A 139 -1.08 -12.54 5.20
C ALA A 139 -2.24 -11.59 5.52
N ILE A 140 -3.47 -12.07 5.49
CA ILE A 140 -4.60 -11.19 5.80
C ILE A 140 -4.66 -10.91 7.29
N PRO A 141 -4.73 -11.93 8.16
CA PRO A 141 -4.95 -11.64 9.58
C PRO A 141 -3.83 -10.86 10.25
N MET A 142 -2.56 -11.10 9.91
CA MET A 142 -1.50 -10.47 10.70
C MET A 142 -1.55 -8.94 10.64
N PRO A 143 -1.48 -8.31 9.45
CA PRO A 143 -1.47 -6.82 9.43
C PRO A 143 -2.82 -6.21 9.77
N THR A 144 -3.92 -6.88 9.46
CA THR A 144 -5.23 -6.32 9.81
C THR A 144 -5.38 -6.26 11.33
N THR A 145 -4.93 -7.31 12.02
CA THR A 145 -4.97 -7.29 13.48
C THR A 145 -4.12 -6.17 14.02
N ILE A 146 -2.90 -6.01 13.49
CA ILE A 146 -1.98 -5.01 14.03
C ILE A 146 -2.55 -3.62 13.85
N ILE A 147 -3.00 -3.27 12.65
CA ILE A 147 -3.46 -1.91 12.46
C ILE A 147 -4.70 -1.66 13.33
N CYS A 148 -5.55 -2.66 13.54
CA CYS A 148 -6.69 -2.48 14.43
C CYS A 148 -6.23 -2.18 15.85
N GLU A 149 -5.20 -2.87 16.32
CA GLU A 149 -4.68 -2.60 17.65
C GLU A 149 -4.09 -1.20 17.76
N VAL A 150 -3.37 -0.73 16.72
CA VAL A 150 -2.77 0.61 16.77
C VAL A 150 -3.84 1.67 16.83
N LEU A 151 -4.87 1.52 15.99
CA LEU A 151 -5.94 2.49 15.89
C LEU A 151 -6.91 2.44 17.05
N GLY A 152 -7.01 1.29 17.75
CA GLY A 152 -8.01 1.11 18.77
C GLY A 152 -9.31 0.61 18.19
N ILE A 153 -9.25 -0.24 17.16
CA ILE A 153 -10.46 -0.84 16.59
C ILE A 153 -10.73 -2.15 17.34
N PRO A 154 -11.93 -2.39 17.82
CA PRO A 154 -12.17 -3.64 18.57
C PRO A 154 -11.96 -4.89 17.71
N ALA A 155 -11.44 -5.93 18.35
CA ALA A 155 -11.12 -7.17 17.64
C ALA A 155 -12.33 -7.80 16.97
N LYS A 156 -13.54 -7.63 17.52
CA LYS A 156 -14.69 -8.32 16.99
C LYS A 156 -15.05 -7.81 15.60
N ASP A 157 -14.66 -6.59 15.26
CA ASP A 157 -14.99 -6.02 13.96
C ASP A 157 -14.03 -6.44 12.83
N HIS A 158 -13.05 -7.30 13.09
CA HIS A 158 -12.10 -7.72 12.03
C HIS A 158 -12.83 -8.18 10.77
N ARG A 159 -13.76 -9.12 10.90
CA ARG A 159 -14.33 -9.74 9.72
C ARG A 159 -15.18 -8.76 8.92
N MET A 160 -15.96 -7.95 9.63
CA MET A 160 -16.75 -6.91 8.96
C MET A 160 -15.84 -5.97 8.16
N LEU A 161 -14.69 -5.61 8.74
CA LEU A 161 -13.80 -4.65 8.08
C LEU A 161 -13.08 -5.29 6.90
N TRP A 162 -12.77 -6.58 7.01
CA TRP A 162 -12.18 -7.28 5.87
C TRP A 162 -13.18 -7.39 4.72
N HIS A 163 -14.46 -7.62 5.02
CA HIS A 163 -15.49 -7.55 4.00
C HIS A 163 -15.46 -6.21 3.25
N TRP A 164 -15.41 -5.10 3.99
CA TRP A 164 -15.31 -3.78 3.36
C TRP A 164 -14.04 -3.66 2.52
N ALA A 165 -12.91 -4.13 3.06
CA ALA A 165 -11.65 -4.13 2.30
C ALA A 165 -11.76 -4.88 0.99
N GLU A 166 -12.48 -6.01 0.98
CA GLU A 166 -12.65 -6.75 -0.26
C GLU A 166 -13.48 -5.96 -1.26
N THR A 167 -14.50 -5.25 -0.76
CA THR A 167 -15.30 -4.40 -1.64
C THR A 167 -14.44 -3.29 -2.24
N VAL A 168 -13.61 -2.63 -1.42
CA VAL A 168 -12.72 -1.59 -1.94
C VAL A 168 -11.64 -2.17 -2.87
N LEU A 169 -11.16 -3.38 -2.59
CA LEU A 169 -10.08 -3.96 -3.39
C LEU A 169 -10.53 -4.35 -4.79
N SER A 170 -11.81 -4.59 -5.01
CA SER A 170 -12.29 -4.99 -6.32
C SER A 170 -12.51 -3.75 -7.19
N ALA A 171 -11.87 -3.73 -8.36
CA ALA A 171 -12.10 -2.67 -9.32
C ALA A 171 -13.48 -2.73 -9.97
N ILE A 172 -14.19 -3.83 -9.75
CA ILE A 172 -15.39 -4.25 -10.48
C ILE A 172 -16.62 -4.17 -9.62
N THR A 173 -16.49 -3.69 -8.39
CA THR A 173 -17.62 -3.58 -7.50
C THR A 173 -18.69 -2.68 -8.09
N PRO A 174 -19.92 -3.17 -8.29
CA PRO A 174 -20.99 -2.27 -8.79
C PRO A 174 -21.18 -1.05 -7.90
N GLN A 175 -21.33 0.12 -8.52
CA GLN A 175 -21.21 1.38 -7.78
C GLN A 175 -22.32 1.57 -6.76
N GLU A 176 -23.49 0.94 -6.95
CA GLU A 176 -24.51 1.01 -5.91
C GLU A 176 -24.04 0.32 -4.63
N VAL A 177 -23.52 -0.91 -4.75
CA VAL A 177 -22.99 -1.64 -3.60
C VAL A 177 -21.86 -0.86 -2.93
N LEU A 178 -20.91 -0.40 -3.75
CA LEU A 178 -19.81 0.38 -3.22
C LEU A 178 -20.31 1.61 -2.47
N ALA A 179 -21.42 2.21 -2.94
CA ALA A 179 -21.96 3.40 -2.26
C ALA A 179 -22.63 3.03 -0.94
N THR A 180 -23.40 1.93 -0.90
CA THR A 180 -24.09 1.59 0.35
C THR A 180 -23.11 1.05 1.41
N GLU A 181 -22.19 0.17 1.01
CA GLU A 181 -21.19 -0.26 1.99
C GLU A 181 -20.32 0.90 2.45
N GLY A 182 -19.96 1.80 1.52
CA GLY A 182 -19.24 3.01 1.91
C GLY A 182 -19.95 3.80 2.99
N ARG A 183 -21.25 4.07 2.80
CA ARG A 183 -22.02 4.80 3.80
C ARG A 183 -21.96 4.10 5.15
N ALA A 184 -22.16 2.78 5.17
CA ALA A 184 -22.15 2.05 6.43
C ALA A 184 -20.77 2.04 7.07
N PHE A 185 -19.70 1.87 6.28
CA PHE A 185 -18.37 1.99 6.85
C PHE A 185 -18.14 3.36 7.49
N VAL A 186 -18.59 4.44 6.85
CA VAL A 186 -18.35 5.76 7.45
C VAL A 186 -19.16 5.88 8.75
N GLU A 187 -20.39 5.37 8.75
CA GLU A 187 -21.20 5.38 9.96
C GLU A 187 -20.53 4.57 11.05
N TYR A 188 -19.95 3.43 10.69
CA TYR A 188 -19.22 2.65 11.66
C TYR A 188 -18.08 3.46 12.27
N MET A 189 -17.29 4.12 11.42
CA MET A 189 -16.17 4.90 11.96
C MET A 189 -16.64 6.10 12.78
N VAL A 190 -17.74 6.74 12.37
CA VAL A 190 -18.30 7.80 13.21
C VAL A 190 -18.51 7.26 14.62
N GLY A 191 -19.11 6.06 14.70
CA GLY A 191 -19.37 5.43 15.98
C GLY A 191 -18.13 5.11 16.78
N VAL A 192 -17.09 4.59 16.11
CA VAL A 192 -15.84 4.30 16.83
C VAL A 192 -15.25 5.58 17.42
N LEU A 193 -15.34 6.70 16.68
CA LEU A 193 -14.79 7.96 17.17
C LEU A 193 -15.57 8.42 18.41
N GLU A 194 -16.91 8.26 18.39
CA GLU A 194 -17.68 8.44 19.64
C GLU A 194 -17.16 7.48 20.71
N LEU A 195 -16.91 6.23 20.36
CA LEU A 195 -16.51 5.24 21.39
C LEU A 195 -15.19 5.65 22.04
N ARG A 196 -14.27 6.19 21.26
CA ARG A 196 -12.95 6.48 21.82
C ARG A 196 -12.96 7.78 22.60
N GLY A 197 -13.95 8.60 22.40
CA GLY A 197 -14.06 9.76 23.28
C GLY A 197 -14.68 9.42 24.63
N ARG A 198 -15.67 8.55 24.65
CA ARG A 198 -16.22 8.11 25.94
C ARG A 198 -15.25 7.15 26.67
N GLU A 199 -14.59 6.30 25.91
CA GLU A 199 -13.72 5.26 26.46
C GLU A 199 -12.31 5.46 25.90
N PRO A 200 -11.54 6.40 26.46
CA PRO A 200 -10.19 6.59 25.99
C PRO A 200 -9.28 5.37 26.19
N GLY A 201 -8.22 5.34 25.39
CA GLY A 201 -7.26 4.29 25.47
C GLY A 201 -5.92 4.76 24.94
N ASP A 202 -4.92 3.88 25.00
CA ASP A 202 -3.60 4.22 24.48
C ASP A 202 -3.49 3.81 23.01
N ASP A 203 -4.35 4.41 22.20
CA ASP A 203 -4.39 4.14 20.77
C ASP A 203 -4.42 5.46 20.02
N LEU A 204 -4.26 5.36 18.70
CA LEU A 204 -4.13 6.57 17.89
C LEU A 204 -5.44 7.32 17.81
N LEU A 205 -6.57 6.61 17.62
CA LEU A 205 -7.84 7.30 17.41
C LEU A 205 -8.26 8.05 18.67
N THR A 206 -7.89 7.54 19.84
CA THR A 206 -8.12 8.30 21.06
C THR A 206 -7.35 9.61 21.02
N ALA A 207 -6.08 9.54 20.68
CA ALA A 207 -5.26 10.75 20.58
C ALA A 207 -5.78 11.70 19.52
N LEU A 208 -6.27 11.17 18.39
CA LEU A 208 -6.81 12.06 17.36
C LEU A 208 -8.14 12.66 17.78
N VAL A 209 -8.92 11.94 18.60
CA VAL A 209 -10.17 12.52 19.09
C VAL A 209 -9.88 13.69 20.01
N ARG A 210 -8.87 13.56 20.89
CA ARG A 210 -8.45 14.69 21.73
C ARG A 210 -8.05 15.87 20.88
N ALA A 211 -7.22 15.63 19.85
CA ALA A 211 -6.74 16.72 19.00
C ALA A 211 -7.90 17.48 18.39
N CYS A 212 -8.98 16.78 18.06
CA CYS A 212 -10.09 17.44 17.42
C CYS A 212 -10.95 18.16 18.45
N ARG A 213 -11.43 17.41 19.44
CA ARG A 213 -12.54 17.80 20.28
C ARG A 213 -12.13 18.48 21.59
N GLU A 214 -10.84 18.43 21.94
CA GLU A 214 -10.31 19.21 23.06
C GLU A 214 -9.39 20.33 22.62
N GLU A 215 -8.45 20.06 21.71
CA GLU A 215 -7.45 21.04 21.32
C GLU A 215 -7.81 21.80 20.04
N GLY A 216 -8.96 21.51 19.42
CA GLY A 216 -9.36 22.20 18.22
C GLY A 216 -8.30 22.26 17.13
N LEU A 217 -7.47 21.22 17.01
CA LEU A 217 -6.36 21.21 16.07
C LEU A 217 -6.78 20.71 14.70
N ILE A 218 -7.83 19.90 14.63
CA ILE A 218 -8.38 19.43 13.37
C ILE A 218 -9.87 19.48 13.49
N SER A 219 -10.53 19.57 12.35
CA SER A 219 -11.98 19.53 12.25
C SER A 219 -12.48 18.10 12.34
N GLU A 220 -13.81 17.97 12.56
CA GLU A 220 -14.45 16.66 12.55
C GLU A 220 -14.32 15.98 11.19
N GLU A 221 -14.42 16.75 10.11
CA GLU A 221 -14.21 16.20 8.77
C GLU A 221 -12.78 15.67 8.60
N GLU A 222 -11.80 16.40 9.14
CA GLU A 222 -10.40 15.96 9.01
C GLU A 222 -10.14 14.71 9.85
N LEU A 223 -10.67 14.71 11.09
CA LEU A 223 -10.53 13.56 11.99
C LEU A 223 -11.09 12.28 11.38
N LEU A 224 -12.30 12.36 10.83
CA LEU A 224 -12.94 11.21 10.21
C LEU A 224 -12.21 10.78 8.95
N SER A 225 -11.68 11.75 8.20
CA SER A 225 -10.97 11.43 6.97
C SER A 225 -9.70 10.65 7.29
N ILE A 226 -8.97 11.08 8.31
CA ILE A 226 -7.73 10.43 8.70
C ILE A 226 -8.00 9.03 9.23
N ALA A 227 -9.02 8.89 10.07
CA ALA A 227 -9.36 7.58 10.64
C ALA A 227 -9.70 6.59 9.53
N CYS A 228 -10.53 7.02 8.58
CA CYS A 228 -10.88 6.14 7.47
C CYS A 228 -9.69 5.86 6.56
N ASP A 229 -8.89 6.88 6.25
CA ASP A 229 -7.73 6.69 5.39
C ASP A 229 -6.74 5.68 5.98
N LEU A 230 -6.44 5.83 7.27
CA LEU A 230 -5.43 4.98 7.88
C LEU A 230 -5.89 3.51 7.97
N LEU A 231 -7.16 3.31 8.28
CA LEU A 231 -7.70 1.95 8.39
C LEU A 231 -7.71 1.26 7.03
N ILE A 232 -8.23 1.92 6.01
CA ILE A 232 -8.33 1.30 4.70
C ILE A 232 -6.94 0.98 4.17
N ALA A 233 -6.04 1.96 4.20
CA ALA A 233 -4.67 1.74 3.73
C ALA A 233 -4.01 0.58 4.44
N GLY A 234 -4.16 0.53 5.77
CA GLY A 234 -3.64 -0.60 6.52
C GLY A 234 -4.24 -1.95 6.15
N PHE A 235 -5.49 -1.96 5.68
CA PHE A 235 -6.16 -3.23 5.38
C PHE A 235 -5.80 -3.74 3.99
N VAL A 236 -5.58 -2.85 3.03
CA VAL A 236 -5.40 -3.28 1.66
C VAL A 236 -3.94 -3.42 1.23
N SER A 237 -2.99 -2.91 2.00
CA SER A 237 -1.60 -2.83 1.51
C SER A 237 -0.83 -4.09 1.89
N THR A 238 -0.49 -4.21 3.17
CA THR A 238 0.42 -5.24 3.60
C THR A 238 -0.17 -6.63 3.50
N THR A 239 -1.50 -6.76 3.54
CA THR A 239 -2.14 -8.05 3.34
C THR A 239 -1.72 -8.65 2.02
N ASN A 240 -1.79 -7.87 0.96
CA ASN A 240 -1.38 -8.40 -0.33
C ASN A 240 0.12 -8.50 -0.47
N GLN A 241 0.89 -7.56 0.12
CA GLN A 241 2.33 -7.55 -0.06
C GLN A 241 3.00 -8.73 0.63
N ILE A 242 2.49 -9.16 1.78
CA ILE A 242 3.09 -10.31 2.45
C ILE A 242 2.99 -11.54 1.56
N GLY A 243 1.82 -11.75 0.96
CA GLY A 243 1.67 -12.87 0.07
C GLY A 243 2.59 -12.78 -1.11
N ASN A 244 2.75 -11.57 -1.66
CA ASN A 244 3.60 -11.38 -2.82
C ASN A 244 5.05 -11.69 -2.48
N PHE A 245 5.48 -11.29 -1.29
CA PHE A 245 6.88 -11.53 -0.92
C PHE A 245 7.12 -13.02 -0.72
N PHE A 246 6.15 -13.73 -0.12
CA PHE A 246 6.35 -15.17 0.07
C PHE A 246 6.35 -15.89 -1.26
N HIS A 247 5.51 -15.43 -2.19
CA HIS A 247 5.55 -15.99 -3.53
C HIS A 247 6.93 -15.82 -4.17
N GLN A 248 7.49 -14.62 -4.14
CA GLN A 248 8.81 -14.41 -4.75
C GLN A 248 9.90 -15.20 -4.04
N LEU A 249 9.81 -15.37 -2.74
CA LEU A 249 10.79 -16.16 -2.02
C LEU A 249 10.66 -17.65 -2.38
N LEU A 250 9.44 -18.15 -2.45
CA LEU A 250 9.22 -19.54 -2.84
C LEU A 250 9.67 -19.81 -4.26
N VAL A 251 9.60 -18.83 -5.15
CA VAL A 251 10.02 -19.12 -6.52
C VAL A 251 11.47 -18.70 -6.73
N HIS A 252 12.14 -18.27 -5.67
CA HIS A 252 13.59 -18.08 -5.67
C HIS A 252 14.19 -18.83 -4.47
N PRO A 253 14.06 -20.17 -4.44
CA PRO A 253 14.43 -20.90 -3.21
C PRO A 253 15.90 -20.76 -2.82
N GLU A 254 16.77 -20.46 -3.78
CA GLU A 254 18.20 -20.25 -3.51
C GLU A 254 18.47 -19.09 -2.56
N GLU A 255 17.46 -18.28 -2.23
CA GLU A 255 17.61 -17.15 -1.33
C GLU A 255 17.17 -17.49 0.09
N LEU A 256 16.44 -18.59 0.27
CA LEU A 256 15.83 -18.86 1.56
C LEU A 256 16.80 -19.31 2.62
N THR A 257 17.86 -20.01 2.27
CA THR A 257 18.71 -20.52 3.34
C THR A 257 19.53 -19.40 3.97
N ARG A 258 20.00 -18.43 3.19
CA ARG A 258 20.62 -17.25 3.78
C ARG A 258 19.66 -16.54 4.72
N LEU A 259 18.41 -16.29 4.28
CA LEU A 259 17.50 -15.53 5.14
C LEU A 259 17.10 -16.29 6.38
N ARG A 260 17.00 -17.63 6.30
CA ARG A 260 16.70 -18.46 7.47
C ARG A 260 17.86 -18.50 8.45
N GLU A 261 19.08 -18.65 7.96
CA GLU A 261 20.20 -18.88 8.85
C GLU A 261 20.80 -17.58 9.35
N ARG A 262 20.71 -16.50 8.55
CA ARG A 262 21.33 -15.22 8.86
C ARG A 262 20.25 -14.14 8.72
N PRO A 263 19.30 -14.09 9.68
CA PRO A 263 18.12 -13.24 9.51
C PRO A 263 18.43 -11.76 9.55
N GLU A 264 19.62 -11.37 10.00
CA GLU A 264 19.97 -9.97 9.85
C GLU A 264 20.04 -9.59 8.38
N LEU A 265 20.01 -10.55 7.45
CA LEU A 265 19.93 -10.20 6.04
C LEU A 265 18.51 -9.88 5.58
N ILE A 266 17.51 -10.12 6.41
CA ILE A 266 16.12 -9.94 5.97
C ILE A 266 15.80 -8.47 5.66
N PRO A 267 16.28 -7.49 6.42
CA PRO A 267 15.92 -6.10 6.07
C PRO A 267 16.28 -5.71 4.64
N LYS A 268 17.49 -6.05 4.17
CA LYS A 268 17.87 -5.65 2.82
C LYS A 268 17.03 -6.35 1.76
N ALA A 269 16.67 -7.62 2.00
CA ALA A 269 15.80 -8.37 1.09
C ALA A 269 14.41 -7.74 1.03
N VAL A 270 13.89 -7.32 2.16
CA VAL A 270 12.60 -6.65 2.15
C VAL A 270 12.65 -5.39 1.27
N GLU A 271 13.75 -4.65 1.35
CA GLU A 271 13.87 -3.44 0.54
C GLU A 271 13.98 -3.78 -0.93
N GLU A 272 14.68 -4.84 -1.25
CA GLU A 272 14.74 -5.24 -2.65
C GLU A 272 13.37 -5.66 -3.17
N LEU A 273 12.63 -6.44 -2.36
CA LEU A 273 11.31 -6.88 -2.76
C LEU A 273 10.36 -5.70 -2.86
N MET A 274 10.53 -4.70 -1.98
CA MET A 274 9.78 -3.44 -2.11
C MET A 274 10.05 -2.78 -3.46
N ARG A 275 11.31 -2.76 -3.88
CA ARG A 275 11.61 -2.18 -5.18
C ARG A 275 10.98 -3.00 -6.30
N TYR A 276 11.07 -4.30 -6.20
CA TYR A 276 10.82 -5.20 -7.31
C TYR A 276 9.34 -5.44 -7.56
N VAL A 277 8.52 -5.44 -6.52
CA VAL A 277 7.17 -5.97 -6.61
C VAL A 277 6.22 -4.84 -7.01
N PRO A 278 5.48 -4.97 -8.14
CA PRO A 278 4.43 -4.00 -8.44
C PRO A 278 3.20 -4.31 -7.64
N LEU A 279 2.97 -3.54 -6.58
CA LEU A 279 1.88 -3.79 -5.66
C LEU A 279 0.63 -3.02 -6.09
N LEU A 280 0.69 -1.70 -6.01
CA LEU A 280 -0.48 -0.87 -6.21
C LEU A 280 -0.74 -0.68 -7.69
N THR A 281 -1.98 -0.94 -8.13
CA THR A 281 -2.35 -0.77 -9.54
C THR A 281 -3.51 0.22 -9.66
N GLY A 282 -4.72 -0.14 -9.25
CA GLY A 282 -5.83 0.78 -9.27
C GLY A 282 -5.72 1.87 -8.23
N PHE A 283 -5.00 1.62 -7.15
CA PHE A 283 -4.80 2.67 -6.15
C PHE A 283 -3.62 3.50 -6.66
N ASN A 284 -3.93 4.59 -7.32
CA ASN A 284 -2.93 5.47 -7.89
C ASN A 284 -3.50 6.86 -7.78
N LEU A 285 -2.80 7.74 -7.11
CA LEU A 285 -3.28 9.09 -6.91
C LEU A 285 -2.93 9.91 -8.13
N ALA A 286 -3.88 10.71 -8.60
CA ALA A 286 -3.61 11.67 -9.68
C ALA A 286 -3.37 13.05 -9.07
N ARG A 287 -2.25 13.67 -9.44
CA ARG A 287 -2.02 15.07 -9.08
C ARG A 287 -2.41 15.95 -10.27
N TYR A 288 -2.80 17.19 -9.98
CA TYR A 288 -3.01 18.20 -11.00
C TYR A 288 -1.97 19.30 -10.90
N ALA A 289 -1.44 19.70 -12.05
CA ALA A 289 -0.50 20.80 -12.10
C ALA A 289 -1.22 22.12 -11.82
N THR A 290 -0.64 22.95 -10.94
CA THR A 290 -1.18 24.28 -10.64
C THR A 290 -0.55 25.39 -11.48
N ALA A 291 0.45 25.04 -12.30
CA ALA A 291 1.13 25.95 -13.18
C ALA A 291 1.75 25.11 -14.30
N ASP A 292 2.21 25.78 -15.35
CA ASP A 292 2.90 25.07 -16.42
C ASP A 292 4.24 24.54 -15.92
N VAL A 293 4.58 23.30 -16.32
CA VAL A 293 5.80 22.63 -15.87
C VAL A 293 6.43 21.89 -17.04
N GLU A 294 7.73 22.07 -17.25
CA GLU A 294 8.46 21.38 -18.29
C GLU A 294 9.00 20.09 -17.71
N LEU A 295 8.64 18.95 -18.33
CA LEU A 295 9.12 17.67 -17.81
C LEU A 295 9.34 16.68 -18.95
N GLY A 296 10.53 16.07 -18.96
CA GLY A 296 10.83 15.04 -19.94
C GLY A 296 10.71 15.50 -21.38
N GLY A 297 10.89 16.80 -21.62
CA GLY A 297 10.85 17.33 -22.97
C GLY A 297 9.47 17.70 -23.44
N ILE A 298 8.45 17.60 -22.60
CA ILE A 298 7.12 18.08 -22.92
C ILE A 298 6.72 19.13 -21.88
N THR A 299 5.53 19.69 -22.02
CA THR A 299 5.08 20.76 -21.13
C THR A 299 3.73 20.33 -20.58
N ILE A 300 3.65 20.22 -19.26
CA ILE A 300 2.44 19.86 -18.56
C ILE A 300 1.73 21.15 -18.19
N ARG A 301 0.59 21.40 -18.82
CA ARG A 301 -0.11 22.66 -18.64
C ARG A 301 -0.81 22.70 -17.29
N ALA A 302 -0.92 23.91 -16.74
CA ALA A 302 -1.78 24.12 -15.60
C ALA A 302 -3.12 23.42 -15.82
N GLY A 303 -3.66 22.82 -14.76
CA GLY A 303 -4.93 22.13 -14.81
C GLY A 303 -4.89 20.72 -15.38
N GLU A 304 -3.76 20.27 -15.91
CA GLU A 304 -3.71 18.91 -16.45
C GLU A 304 -3.31 17.92 -15.35
N ALA A 305 -3.65 16.65 -15.56
CA ALA A 305 -3.44 15.61 -14.57
C ALA A 305 -2.19 14.80 -14.86
N VAL A 306 -1.54 14.32 -13.80
CA VAL A 306 -0.31 13.54 -13.91
C VAL A 306 -0.39 12.32 -12.98
N MET A 307 -0.03 11.16 -13.51
CA MET A 307 0.09 9.95 -12.72
C MET A 307 1.51 9.40 -12.84
N ILE A 308 1.90 8.63 -11.84
CA ILE A 308 3.25 8.07 -11.78
C ILE A 308 3.12 6.57 -11.77
N ALA A 309 4.21 5.91 -12.15
CA ALA A 309 4.34 4.45 -12.07
C ALA A 309 5.63 4.14 -11.31
N THR A 310 5.49 3.93 -10.00
CA THR A 310 6.64 3.68 -9.13
C THR A 310 7.32 2.36 -9.49
N ALA A 311 6.54 1.36 -9.90
CA ALA A 311 7.14 0.07 -10.23
C ALA A 311 8.03 0.19 -11.46
N ALA A 312 7.68 1.09 -12.39
CA ALA A 312 8.53 1.29 -13.57
C ALA A 312 9.80 2.07 -13.20
N ALA A 313 9.64 3.17 -12.47
CA ALA A 313 10.77 3.94 -11.99
C ALA A 313 11.73 3.05 -11.21
N ASN A 314 11.20 2.07 -10.47
CA ASN A 314 12.02 1.16 -9.68
C ASN A 314 12.85 0.20 -10.51
N ARG A 315 12.72 0.18 -11.84
CA ARG A 315 13.62 -0.61 -12.70
C ARG A 315 14.31 0.24 -13.76
N ASP A 316 14.51 1.51 -13.47
CA ASP A 316 15.18 2.44 -14.39
C ASP A 316 16.68 2.12 -14.44
N PRO A 317 17.20 1.66 -15.58
CA PRO A 317 18.62 1.27 -15.63
C PRO A 317 19.61 2.41 -15.36
N GLU A 318 19.17 3.66 -15.28
CA GLU A 318 20.11 4.71 -14.90
C GLU A 318 20.34 4.78 -13.38
N VAL A 319 19.49 4.13 -12.60
CA VAL A 319 19.54 4.25 -11.15
C VAL A 319 19.90 2.94 -10.49
N PHE A 320 19.49 1.81 -11.07
CA PHE A 320 19.64 0.47 -10.51
C PHE A 320 20.42 -0.36 -11.51
N GLN A 321 21.50 -0.99 -11.05
CA GLN A 321 22.24 -1.93 -11.86
C GLN A 321 21.47 -3.24 -11.98
N GLU A 322 21.47 -3.85 -13.16
CA GLU A 322 20.72 -5.08 -13.38
C GLU A 322 19.29 -4.91 -12.86
N PRO A 323 18.55 -3.92 -13.34
CA PRO A 323 17.26 -3.58 -12.70
C PRO A 323 16.22 -4.68 -12.81
N GLU A 324 16.30 -5.56 -13.81
CA GLU A 324 15.28 -6.59 -13.94
C GLU A 324 15.59 -7.82 -13.13
N ARG A 325 16.71 -7.87 -12.43
CA ARG A 325 17.06 -9.00 -11.60
C ARG A 325 16.66 -8.75 -10.15
N LEU A 326 16.24 -9.82 -9.47
CA LEU A 326 15.97 -9.76 -8.03
C LEU A 326 17.27 -10.02 -7.30
N VAL A 327 17.83 -8.96 -6.70
CA VAL A 327 19.15 -9.03 -6.04
C VAL A 327 18.93 -8.76 -4.56
N MET A 328 18.89 -9.82 -3.74
CA MET A 328 18.40 -9.73 -2.35
C MET A 328 19.36 -9.01 -1.40
N ASP A 329 20.61 -8.79 -1.81
CA ASP A 329 21.55 -7.96 -1.06
C ASP A 329 21.89 -6.67 -1.79
N ARG A 330 21.06 -6.24 -2.75
CA ARG A 330 21.25 -4.97 -3.46
C ARG A 330 21.60 -3.82 -2.53
N GLY A 331 22.74 -3.19 -2.77
CA GLY A 331 23.19 -2.07 -1.96
C GLY A 331 22.63 -0.72 -2.35
N ALA A 332 22.81 -0.31 -3.60
CA ALA A 332 22.30 0.97 -4.07
C ALA A 332 20.85 0.72 -4.43
N ASN A 333 19.95 1.14 -3.56
CA ASN A 333 18.54 0.83 -3.74
C ASN A 333 17.66 1.97 -3.28
N PRO A 334 17.74 3.13 -3.95
CA PRO A 334 16.87 4.26 -3.61
C PRO A 334 15.49 4.11 -4.24
N HIS A 335 14.80 3.02 -3.90
CA HIS A 335 13.52 2.71 -4.52
C HIS A 335 12.45 3.71 -4.07
N ILE A 336 11.40 3.80 -4.88
CA ILE A 336 10.26 4.66 -4.61
C ILE A 336 9.05 3.82 -4.25
N GLY A 337 9.26 2.63 -3.71
CA GLY A 337 8.14 1.75 -3.40
C GLY A 337 7.23 2.32 -2.33
N PHE A 338 7.72 3.26 -1.53
CA PHE A 338 6.89 3.98 -0.56
C PHE A 338 6.68 5.44 -0.92
N GLY A 339 6.94 5.82 -2.15
CA GLY A 339 6.77 7.20 -2.52
C GLY A 339 7.97 8.06 -2.16
N HIS A 340 7.73 9.38 -2.11
CA HIS A 340 8.77 10.37 -1.88
C HIS A 340 8.09 11.70 -1.63
N GLY A 341 8.77 12.59 -0.94
CA GLY A 341 8.22 13.92 -0.79
C GLY A 341 7.22 13.95 0.34
N VAL A 342 6.34 14.95 0.30
CA VAL A 342 5.48 15.14 1.46
C VAL A 342 4.48 14.00 1.64
N HIS A 343 4.06 13.30 0.58
CA HIS A 343 3.14 12.17 0.78
C HIS A 343 3.88 10.82 0.92
N TYR A 344 5.18 10.85 1.21
CA TYR A 344 5.93 9.63 1.54
C TYR A 344 5.16 8.78 2.57
N CYS A 345 5.11 7.47 2.32
CA CYS A 345 4.15 6.60 3.00
C CYS A 345 4.23 6.74 4.52
N VAL A 346 3.15 7.18 5.15
CA VAL A 346 3.19 7.31 6.60
C VAL A 346 3.24 5.94 7.28
N GLY A 347 2.86 4.90 6.56
CA GLY A 347 2.92 3.56 7.10
C GLY A 347 4.22 2.80 6.85
N ALA A 348 5.26 3.47 6.31
CA ALA A 348 6.45 2.74 5.84
C ALA A 348 7.12 1.97 6.96
N HIS A 349 7.26 2.58 8.14
CA HIS A 349 7.97 1.88 9.19
C HIS A 349 7.15 0.73 9.71
N LEU A 350 5.84 0.90 9.82
CA LEU A 350 4.98 -0.21 10.26
C LEU A 350 4.98 -1.35 9.22
N ALA A 351 4.80 -1.00 7.94
CA ALA A 351 4.80 -2.01 6.88
C ALA A 351 6.11 -2.78 6.85
N ARG A 352 7.22 -2.05 6.87
CA ARG A 352 8.54 -2.65 6.89
C ARG A 352 8.66 -3.66 8.02
N LEU A 353 8.29 -3.25 9.22
CA LEU A 353 8.36 -4.16 10.35
C LEU A 353 7.52 -5.41 10.13
N GLU A 354 6.32 -5.25 9.59
CA GLU A 354 5.45 -6.40 9.37
C GLU A 354 6.04 -7.35 8.36
N LEU A 355 6.57 -6.80 7.26
CA LEU A 355 7.15 -7.64 6.24
C LEU A 355 8.36 -8.38 6.80
N GLN A 356 9.21 -7.70 7.57
CA GLN A 356 10.38 -8.33 8.15
C GLN A 356 10.00 -9.46 9.10
N VAL A 357 9.03 -9.20 9.96
CA VAL A 357 8.63 -10.18 10.96
C VAL A 357 7.97 -11.38 10.29
N ALA A 358 7.08 -11.12 9.33
CA ALA A 358 6.45 -12.22 8.61
C ALA A 358 7.51 -13.17 8.08
N ILE A 359 8.55 -12.62 7.46
CA ILE A 359 9.52 -13.49 6.80
C ILE A 359 10.35 -14.24 7.85
N GLU A 360 10.82 -13.52 8.86
CA GLU A 360 11.59 -14.13 9.92
C GLU A 360 10.81 -15.26 10.58
N ARG A 361 9.53 -15.05 10.89
CA ARG A 361 8.81 -16.04 11.66
C ARG A 361 8.44 -17.25 10.82
N VAL A 362 7.92 -17.03 9.61
CA VAL A 362 7.45 -18.14 8.79
C VAL A 362 8.63 -19.00 8.35
N LEU A 363 9.76 -18.38 7.98
CA LEU A 363 10.87 -19.20 7.51
C LEU A 363 11.53 -20.00 8.64
N HIS A 364 11.55 -19.44 9.85
CA HIS A 364 12.03 -20.21 11.00
C HIS A 364 11.08 -21.31 11.39
N ARG A 365 9.78 -21.01 11.48
CA ARG A 365 8.84 -22.03 11.95
C ARG A 365 8.69 -23.16 10.95
N LEU A 366 8.82 -22.88 9.65
CA LEU A 366 8.50 -23.86 8.61
C LEU A 366 9.71 -24.06 7.70
N PRO A 367 10.79 -24.61 8.24
CA PRO A 367 12.03 -24.76 7.47
C PRO A 367 11.88 -25.57 6.17
N GLY A 368 10.83 -26.36 6.03
CA GLY A 368 10.63 -27.14 4.81
C GLY A 368 9.55 -26.58 3.92
N MET A 369 9.18 -25.32 4.13
CA MET A 369 8.02 -24.75 3.44
C MET A 369 8.22 -24.78 1.92
N ARG A 370 7.17 -25.09 1.18
CA ARG A 370 7.25 -25.09 -0.28
C ARG A 370 5.85 -24.95 -0.85
N LEU A 371 5.75 -24.71 -2.16
CA LEU A 371 4.41 -24.65 -2.77
C LEU A 371 3.71 -25.99 -2.65
N ALA A 372 2.40 -25.98 -2.40
CA ALA A 372 1.63 -27.23 -2.34
C ALA A 372 0.93 -27.54 -3.65
N VAL A 373 0.92 -26.59 -4.56
CA VAL A 373 0.41 -26.78 -5.92
C VAL A 373 1.51 -26.40 -6.89
N PRO A 374 1.38 -26.80 -8.16
CA PRO A 374 2.29 -26.26 -9.18
C PRO A 374 2.12 -24.75 -9.33
N GLU A 375 3.22 -24.10 -9.69
CA GLU A 375 3.19 -22.65 -9.82
C GLU A 375 2.21 -22.23 -10.92
N SER A 376 2.04 -23.06 -11.95
CA SER A 376 1.06 -22.76 -12.98
C SER A 376 -0.36 -22.73 -12.44
N GLU A 377 -0.62 -23.45 -11.34
CA GLU A 377 -1.95 -23.47 -10.73
C GLU A 377 -2.22 -22.30 -9.79
N LEU A 378 -1.28 -21.39 -9.58
CA LEU A 378 -1.60 -20.21 -8.78
C LEU A 378 -2.50 -19.25 -9.55
N SER A 379 -3.47 -18.65 -8.85
CA SER A 379 -4.36 -17.67 -9.47
C SER A 379 -4.19 -16.31 -8.80
N TRP A 380 -3.86 -15.30 -9.60
CA TRP A 380 -3.76 -13.92 -9.17
C TRP A 380 -5.14 -13.27 -9.15
N LYS A 381 -5.30 -12.31 -8.24
CA LYS A 381 -6.57 -11.62 -8.09
C LYS A 381 -6.80 -10.83 -9.37
N GLN A 382 -8.02 -10.92 -9.87
CA GLN A 382 -8.44 -10.22 -11.08
C GLN A 382 -9.15 -8.94 -10.75
N ASP A 383 -9.04 -7.98 -11.66
CA ASP A 383 -9.82 -6.77 -11.51
C ASP A 383 -9.68 -6.29 -10.09
N ALA A 384 -8.45 -6.36 -9.57
CA ALA A 384 -8.15 -5.81 -8.26
C ALA A 384 -7.43 -4.46 -8.37
N MET A 385 -7.51 -3.68 -7.28
CA MET A 385 -6.83 -2.40 -7.15
C MET A 385 -5.41 -2.56 -6.67
N VAL A 386 -5.02 -3.76 -6.25
CA VAL A 386 -3.70 -4.07 -5.70
C VAL A 386 -3.36 -5.48 -6.18
N ASN A 387 -2.13 -5.69 -6.63
CA ASN A 387 -1.79 -7.04 -7.08
C ASN A 387 -1.68 -7.96 -5.88
N GLY A 388 -2.29 -9.14 -5.97
CA GLY A 388 -2.10 -10.15 -4.95
C GLY A 388 -2.63 -11.49 -5.40
N LEU A 389 -2.25 -12.54 -4.67
CA LEU A 389 -2.73 -13.87 -4.98
C LEU A 389 -4.11 -14.09 -4.38
N GLN A 390 -4.91 -14.91 -5.05
CA GLN A 390 -6.16 -15.31 -4.43
C GLN A 390 -5.92 -16.28 -3.27
N ALA A 391 -4.91 -17.12 -3.39
CA ALA A 391 -4.57 -18.16 -2.41
C ALA A 391 -3.11 -18.48 -2.65
N LEU A 392 -2.41 -18.92 -1.60
CA LEU A 392 -1.00 -19.34 -1.71
C LEU A 392 -0.86 -20.65 -0.95
N PRO A 393 -1.15 -21.79 -1.61
CA PRO A 393 -1.10 -23.07 -0.92
C PRO A 393 0.34 -23.47 -0.63
N VAL A 394 0.64 -23.81 0.62
CA VAL A 394 1.99 -24.23 0.98
C VAL A 394 1.89 -25.51 1.79
N ALA A 395 2.93 -26.32 1.68
CA ALA A 395 3.20 -27.51 2.49
C ALA A 395 4.51 -27.23 3.22
N TRP A 396 4.84 -28.05 4.22
CA TRP A 396 6.11 -27.84 4.92
C TRP A 396 6.63 -29.11 5.59
C10 EIA B . -6.53 6.12 -1.93
C13 EIA B . -1.39 3.10 -0.18
C17 EIA B . -9.17 3.45 -1.08
C20 EIA B . -11.51 4.37 -0.68
C21 EIA B . -10.19 4.32 -0.42
C22 EIA B . -15.12 5.53 -2.07
C28 EIA B . -9.92 6.21 -3.35
C12 EIA B . -7.85 4.12 -1.51
C16 EIA B . -8.66 5.87 -3.19
C19 EIA B . -12.22 3.61 -1.73
C23 EIA B . -14.62 4.43 -1.13
C25 EIA B . -14.77 5.43 -3.57
C27 EIA B . -10.59 6.45 -4.61
C29 EIA B . -12.72 6.69 -5.98
C30 EIA B . -11.91 6.68 -4.70
C32 EIA B . -14.24 6.74 -4.17
N24 EIA B . -13.62 3.60 -1.86
C1 EIA B . -2.55 3.32 -1.17
C11 EIA B . -7.98 5.63 -1.88
C14 EIA B . -1.35 1.68 0.38
C15 EIA B . -0.96 5.06 -2.30
C2 EIA B . -2.34 4.42 -2.22
C3 EIA B . -3.46 5.45 -1.97
C33 EIA B . -12.81 6.93 -3.60
C4 EIA B . -4.58 4.56 -1.54
C5 EIA B . -3.87 3.75 -0.46
C6 EIA B . -5.79 5.27 -0.91
C7 EIA B . -6.80 4.23 -0.37
C8 EIA B . -6.12 3.00 0.16
C9 EIA B . -4.81 2.76 0.15
N31 EIA B . -14.02 6.66 -5.61
O18 EIA B . -11.65 3.02 -2.66
O26 EIA B . -9.82 6.42 -5.70
O34 EIA B . -12.32 6.80 -7.15
O35 EIA B . -12.57 7.19 -2.44
H10B EIA B . -6.13 6.00 -2.94
H10A EIA B . -6.48 7.18 -1.70
H13A EIA B . -0.44 3.33 -0.65
H13B EIA B . -1.48 3.80 0.65
H17B EIA B . -8.95 2.61 -0.43
H17A EIA B . -9.63 3.00 -1.96
HC20 EIA B . -12.17 5.00 -0.10
HC21 EIA B . -9.79 4.96 0.36
H22B EIA B . -16.21 5.60 -1.98
H22A EIA B . -14.76 6.50 -1.71
HC28 EIA B . -10.57 6.33 -2.48
HC12 EIA B . -7.41 3.60 -2.35
HC16 EIA B . -8.00 5.76 -4.05
H23B EIA B . -14.19 4.84 -0.23
H23A EIA B . -15.44 3.81 -0.78
H25B EIA B . -14.05 4.64 -3.71
H25A EIA B . -15.64 5.10 -4.13
HC32 EIA B . -14.91 7.56 -3.98
HN24 EIA B . -14.01 2.96 -2.54
HC1 EIA B . -2.70 2.39 -1.72
HC11 EIA B . -8.55 6.12 -1.08
H14B EIA B . -1.19 0.96 -0.41
H14C EIA B . -2.28 1.42 0.87
H14A EIA B . -0.55 1.57 1.10
H15C EIA B . -0.93 5.87 -3.01
H15B EIA B . -0.66 5.45 -1.32
H15A EIA B . -0.21 4.34 -2.59
HC2 EIA B . -2.54 3.95 -3.19
HC3A EIA B . -3.70 6.04 -2.86
HC3B EIA B . -3.18 6.20 -1.23
HC4 EIA B . -4.92 3.96 -2.38
HC5 EIA B . -3.52 4.36 0.39
HC6 EIA B . -5.54 5.91 -0.06
HC7 EIA B . -7.31 4.63 0.51
HC8 EIA B . -6.82 2.27 0.57
HC9 EIA B . -4.38 1.86 0.59
HN31 EIA B . -14.80 6.59 -6.25
HO26 EIA B . -8.87 6.23 -5.50
CHA HEM C . 1.25 6.80 0.82
CHB HEM C . 2.87 2.52 -0.71
CHC HEM C . 1.47 0.48 3.44
CHD HEM C . -0.87 4.57 4.56
C1A HEM C . 1.86 5.83 0.08
C2A HEM C . 2.51 6.01 -1.19
C3A HEM C . 2.95 4.83 -1.59
C4A HEM C . 2.59 3.85 -0.61
CMA HEM C . 3.70 4.58 -2.91
CAA HEM C . 2.72 7.33 -1.97
CBA HEM C . 1.68 7.50 -3.04
CGA HEM C . 1.82 8.82 -3.82
O1A HEM C . 1.23 8.90 -4.93
O2A HEM C . 2.51 9.78 -3.33
C1B HEM C . 2.68 1.58 0.27
C2B HEM C . 3.07 0.18 0.22
C3B HEM C . 2.64 -0.37 1.39
C4B HEM C . 1.99 0.66 2.18
CMB HEM C . 3.80 -0.50 -0.99
CAB HEM C . 2.79 -1.81 1.93
CBB HEM C . 3.85 -2.55 1.65
C1C HEM C . 0.75 1.43 4.15
C2C HEM C . 0.24 1.28 5.51
C3C HEM C . -0.40 2.42 5.80
C4C HEM C . -0.30 3.31 4.65
CMC HEM C . 0.44 0.02 6.40
CAC HEM C . -1.15 2.90 7.08
CBC HEM C . -1.11 2.24 8.23
C1D HEM C . -0.51 5.52 3.64
C2D HEM C . -0.93 6.88 3.68
C3D HEM C . -0.33 7.52 2.66
C4D HEM C . 0.48 6.55 1.93
CMD HEM C . -1.94 7.46 4.71
CAD HEM C . -0.49 8.99 2.27
CBD HEM C . 0.44 9.82 3.17
CGD HEM C . 0.32 11.32 2.97
O1D HEM C . -0.27 11.78 1.99
O2D HEM C . 0.86 12.08 3.82
NA HEM C . 1.90 4.49 0.42
NB HEM C . 2.02 1.82 1.45
NC HEM C . 0.42 2.68 3.66
ND HEM C . 0.36 5.33 2.55
FE HEM C . 1.49 3.64 2.24
HHB HEM C . 3.25 2.21 -1.56
HHC HEM C . 1.61 -0.39 3.87
HHD HEM C . -1.59 4.79 5.20
HMA HEM C . 3.93 3.63 -2.98
HMAA HEM C . 4.51 5.12 -2.93
HMAB HEM C . 3.12 4.82 -3.67
HAA HEM C . 3.61 7.32 -2.38
HAAA HEM C . 2.67 8.07 -1.34
HBA HEM C . 0.80 7.48 -2.63
HBAA HEM C . 1.76 6.76 -3.67
HMB HEM C . 3.25 -0.43 -1.78
HMBA HEM C . 3.97 -1.43 -0.79
HMBB HEM C . 4.65 -0.05 -1.15
HAB HEM C . 2.09 -2.17 2.49
HBB HEM C . 3.92 -3.45 2.01
HBBA HEM C . 4.56 -2.20 1.08
HMC HEM C . 0.37 -0.79 5.84
HMCA HEM C . -0.24 -0.01 7.08
HMCB HEM C . 1.31 0.04 6.81
HAC HEM C . -1.68 3.70 7.03
HBC HEM C . -1.60 2.58 9.00
HBCA HEM C . -0.58 1.43 8.31
HMD HEM C . -1.98 8.43 4.62
HMDA HEM C . -1.65 7.24 5.61
HMDB HEM C . -2.84 7.08 4.55
HAD HEM C . -1.41 9.27 2.41
HADA HEM C . -0.25 9.13 1.35
HBD HEM C . 1.35 9.56 3.00
HBDA HEM C . 0.23 9.62 4.10
HHA HEM C . 1.37 7.73 0.54
#